data_9LDH
#
_entry.id   9LDH
#
_cell.length_a   58.450
_cell.length_b   58.450
_cell.length_c   222.890
_cell.angle_alpha   90.00
_cell.angle_beta   90.00
_cell.angle_gamma   120.00
#
_symmetry.space_group_name_H-M   'P 65 2 2'
#
loop_
_entity.id
_entity.type
_entity.pdbx_description
1 polymer "Probable RNA 2'-phosphotransferase"
2 non-polymer 'SULFATE ION'
3 non-polymer '[(2~{R},3~{R},4~{R},5~{R})-5-[2,4-bis(oxidanylidene)pyrimidin-1-yl]-3,4-diphosphonooxy-oxolan-2-yl]methyl dihydrogen phosphate'
4 water water
#
_entity_poly.entity_id   1
_entity_poly.type   'polypeptide(L)'
_entity_poly.pdbx_seq_one_letter_code
;MKPERKRVSKLMAYILRHSPEEFGLRPDVEGFVSLNELVNALKTVYPEVTEEFVREIVENDPKGRYEIRGDRIRARYGHS
FPVSLDHEEDTESRFLYHGTPRRNLPSILKEGLKPMKRQYVHVSTDKIEALETGRRHGREVVLLVIDAECLRKRGFKIYK
AGKNVRIVERVPPDCITLAV
;
_entity_poly.pdbx_strand_id   A
#
# COMPACT_ATOMS: atom_id res chain seq x y z
N LYS A 2 16.86 5.07 -26.79
CA LYS A 2 17.26 5.20 -25.40
C LYS A 2 16.50 6.35 -24.68
N PRO A 3 16.23 7.47 -25.39
CA PRO A 3 15.34 8.47 -24.78
C PRO A 3 13.94 7.94 -24.45
N GLU A 4 13.32 7.18 -25.37
CA GLU A 4 12.01 6.61 -25.07
C GLU A 4 12.07 5.70 -23.86
N ARG A 5 13.11 4.86 -23.78
CA ARG A 5 13.26 3.98 -22.62
C ARG A 5 13.35 4.78 -21.32
N LYS A 6 14.01 5.95 -21.37
CA LYS A 6 14.23 6.73 -20.15
C LYS A 6 12.95 7.43 -19.70
N ARG A 7 12.21 8.02 -20.64
CA ARG A 7 10.99 8.71 -20.22
C ARG A 7 9.93 7.70 -19.76
N VAL A 8 9.87 6.54 -20.40
CA VAL A 8 8.91 5.53 -19.95
C VAL A 8 9.35 4.97 -18.59
N SER A 9 10.63 4.72 -18.43
CA SER A 9 11.17 4.24 -17.16
C SER A 9 10.82 5.18 -16.00
N LYS A 10 11.04 6.48 -16.18
CA LYS A 10 10.71 7.44 -15.13
C LYS A 10 9.23 7.38 -14.78
N LEU A 11 8.38 7.18 -15.78
CA LEU A 11 6.95 7.15 -15.49
C LEU A 11 6.60 5.86 -14.75
N MET A 12 7.20 4.73 -15.14
CA MET A 12 7.01 3.52 -14.33
C MET A 12 7.47 3.71 -12.89
N ALA A 13 8.55 4.47 -12.66
CA ALA A 13 9.02 4.66 -11.30
C ALA A 13 8.00 5.42 -10.47
N TYR A 14 7.43 6.48 -11.05
CA TYR A 14 6.37 7.24 -10.39
C TYR A 14 5.15 6.37 -10.10
N ILE A 15 4.67 5.65 -11.11
CA ILE A 15 3.49 4.80 -10.92
C ILE A 15 3.76 3.74 -9.86
N LEU A 16 4.93 3.09 -9.93
CA LEU A 16 5.18 1.91 -9.11
C LEU A 16 5.66 2.24 -7.70
N ARG A 17 6.30 3.40 -7.49
CA ARG A 17 6.81 3.77 -6.18
C ARG A 17 5.92 4.76 -5.44
N HIS A 18 5.21 5.63 -6.16
CA HIS A 18 4.65 6.83 -5.54
C HIS A 18 3.14 6.90 -5.65
N SER A 19 2.55 6.89 -6.83
CA SER A 19 1.10 7.10 -6.92
C SER A 19 0.44 6.21 -7.96
N PRO A 20 0.33 4.92 -7.68
CA PRO A 20 -0.43 4.05 -8.57
C PRO A 20 -1.89 4.43 -8.62
N GLU A 21 -2.41 5.10 -7.59
CA GLU A 21 -3.83 5.41 -7.61
C GLU A 21 -4.17 6.54 -8.58
N GLU A 22 -3.23 7.42 -8.95
CA GLU A 22 -3.63 8.34 -10.04
C GLU A 22 -3.69 7.67 -11.40
N PHE A 23 -3.36 6.39 -11.51
CA PHE A 23 -3.58 5.62 -12.73
C PHE A 23 -4.58 4.49 -12.52
N GLY A 24 -5.23 4.44 -11.37
CA GLY A 24 -6.27 3.45 -11.17
C GLY A 24 -5.75 2.12 -10.72
N LEU A 25 -4.48 2.04 -10.33
CA LEU A 25 -3.82 0.79 -9.98
C LEU A 25 -3.81 0.64 -8.46
N ARG A 26 -3.90 -0.62 -8.04
CA ARG A 26 -3.99 -0.99 -6.64
C ARG A 26 -2.93 -2.06 -6.35
N PRO A 27 -1.79 -1.68 -5.82
CA PRO A 27 -0.74 -2.66 -5.59
C PRO A 27 -1.13 -3.64 -4.50
N ASP A 28 -0.57 -4.84 -4.59
CA ASP A 28 -0.75 -5.79 -3.50
C ASP A 28 0.28 -5.50 -2.41
N VAL A 29 0.23 -6.30 -1.35
CA VAL A 29 1.05 -6.04 -0.18
C VAL A 29 2.53 -5.96 -0.54
N GLU A 30 2.96 -6.76 -1.51
CA GLU A 30 4.35 -6.79 -1.94
C GLU A 30 4.71 -5.68 -2.93
N GLY A 31 3.75 -4.82 -3.30
CA GLY A 31 4.04 -3.74 -4.21
C GLY A 31 3.77 -4.04 -5.67
N PHE A 32 3.28 -5.23 -5.99
CA PHE A 32 3.09 -5.63 -7.38
C PHE A 32 1.77 -5.10 -7.92
N VAL A 33 1.76 -4.73 -9.19
CA VAL A 33 0.50 -4.57 -9.92
C VAL A 33 0.56 -5.53 -11.10
N SER A 34 -0.57 -5.77 -11.75
CA SER A 34 -0.45 -6.63 -12.90
C SER A 34 0.27 -5.91 -14.03
N LEU A 35 1.03 -6.67 -14.82
CA LEU A 35 1.79 -6.08 -15.90
C LEU A 35 0.85 -5.46 -16.95
N ASN A 36 -0.27 -6.12 -17.25
CA ASN A 36 -1.18 -5.59 -18.26
C ASN A 36 -1.77 -4.26 -17.81
N GLU A 37 -2.10 -4.15 -16.52
CA GLU A 37 -2.61 -2.89 -16.00
C GLU A 37 -1.55 -1.80 -16.06
N LEU A 38 -0.30 -2.14 -15.75
CA LEU A 38 0.76 -1.14 -15.86
C LEU A 38 0.93 -0.68 -17.30
N VAL A 39 0.87 -1.63 -18.24
CA VAL A 39 0.99 -1.28 -19.65
C VAL A 39 -0.14 -0.34 -20.04
N ASN A 40 -1.38 -0.65 -19.64
CA ASN A 40 -2.49 0.23 -20.01
C ASN A 40 -2.33 1.62 -19.38
N ALA A 41 -1.82 1.67 -18.16
CA ALA A 41 -1.56 2.95 -17.49
C ALA A 41 -0.52 3.77 -18.24
N LEU A 42 0.58 3.13 -18.64
CA LEU A 42 1.62 3.85 -19.38
C LEU A 42 1.10 4.34 -20.71
N LYS A 43 0.22 3.54 -21.33
CA LYS A 43 -0.29 3.83 -22.65
C LYS A 43 -1.12 5.11 -22.69
N THR A 44 -1.68 5.53 -21.56
CA THR A 44 -2.42 6.79 -21.52
C THR A 44 -1.52 8.01 -21.68
N VAL A 45 -0.22 7.87 -21.42
CA VAL A 45 0.75 8.94 -21.63
C VAL A 45 1.60 8.69 -22.86
N TYR A 46 2.04 7.45 -23.07
CA TYR A 46 2.87 7.04 -24.21
C TYR A 46 2.17 5.90 -24.95
N PRO A 47 1.34 6.21 -25.96
CA PRO A 47 0.55 5.14 -26.61
C PRO A 47 1.38 4.03 -27.24
N GLU A 48 2.65 4.26 -27.56
CA GLU A 48 3.45 3.26 -28.24
C GLU A 48 3.96 2.17 -27.28
N VAL A 49 3.77 2.33 -25.97
CA VAL A 49 4.30 1.35 -25.02
C VAL A 49 3.61 0.01 -25.24
N THR A 50 4.40 -1.05 -25.23
CA THR A 50 3.88 -2.41 -25.26
C THR A 50 4.41 -3.19 -24.06
N GLU A 51 3.80 -4.34 -23.81
CA GLU A 51 4.28 -5.20 -22.75
C GLU A 51 5.70 -5.68 -23.04
N GLU A 52 6.03 -5.94 -24.32
CA GLU A 52 7.41 -6.33 -24.62
C GLU A 52 8.38 -5.17 -24.36
N PHE A 53 7.97 -3.94 -24.61
CA PHE A 53 8.84 -2.81 -24.31
C PHE A 53 9.12 -2.71 -22.80
N VAL A 54 8.08 -2.90 -21.98
CA VAL A 54 8.29 -2.86 -20.53
C VAL A 54 9.21 -3.99 -20.09
N ARG A 55 9.03 -5.20 -20.64
CA ARG A 55 9.91 -6.31 -20.26
C ARG A 55 11.37 -5.99 -20.56
N GLU A 56 11.64 -5.36 -21.70
CA GLU A 56 13.00 -4.96 -22.02
C GLU A 56 13.52 -3.90 -21.06
N ILE A 57 12.70 -2.91 -20.71
CA ILE A 57 13.14 -1.92 -19.75
C ILE A 57 13.53 -2.61 -18.45
N VAL A 58 12.70 -3.55 -17.99
CA VAL A 58 12.96 -4.22 -16.72
C VAL A 58 14.27 -5.00 -16.79
N GLU A 59 14.42 -5.80 -17.85
CA GLU A 59 15.55 -6.72 -17.89
C GLU A 59 16.87 -6.00 -18.19
N ASN A 60 16.81 -4.81 -18.79
CA ASN A 60 17.99 -4.05 -19.13
C ASN A 60 18.26 -2.89 -18.15
N ASP A 61 17.45 -2.75 -17.11
CA ASP A 61 17.66 -1.66 -16.15
C ASP A 61 18.98 -1.87 -15.43
N PRO A 62 19.91 -0.92 -15.48
CA PRO A 62 21.24 -1.16 -14.87
C PRO A 62 21.22 -1.11 -13.35
N LYS A 63 20.16 -0.56 -12.75
CA LYS A 63 20.09 -0.35 -11.32
C LYS A 63 19.22 -1.37 -10.59
N GLY A 64 18.56 -2.28 -11.30
CA GLY A 64 17.64 -3.18 -10.63
C GLY A 64 16.40 -2.49 -10.10
N ARG A 65 15.88 -1.50 -10.81
CA ARG A 65 14.76 -0.74 -10.30
C ARG A 65 13.49 -1.57 -10.19
N TYR A 66 13.31 -2.55 -11.07
CA TYR A 66 12.02 -3.22 -11.25
C TYR A 66 12.17 -4.73 -11.20
N GLU A 67 11.07 -5.40 -10.87
CA GLU A 67 11.05 -6.84 -10.80
C GLU A 67 9.77 -7.34 -11.44
N ILE A 68 9.88 -8.30 -12.37
CA ILE A 68 8.70 -8.98 -12.90
C ILE A 68 8.66 -10.38 -12.34
N ARG A 69 7.52 -10.77 -11.80
CA ARG A 69 7.30 -12.11 -11.29
C ARG A 69 6.01 -12.57 -11.95
N GLY A 70 6.14 -13.54 -12.85
CA GLY A 70 5.03 -13.98 -13.70
C GLY A 70 4.48 -12.84 -14.54
N ASP A 71 3.25 -12.45 -14.24
CA ASP A 71 2.56 -11.43 -15.03
C ASP A 71 2.34 -10.17 -14.20
N ARG A 72 3.07 -10.01 -13.10
CA ARG A 72 2.96 -8.88 -12.20
C ARG A 72 4.31 -8.16 -12.15
N ILE A 73 4.31 -6.88 -11.79
CA ILE A 73 5.53 -6.07 -11.81
C ILE A 73 5.53 -5.12 -10.62
N ARG A 74 6.71 -4.84 -10.06
CA ARG A 74 6.80 -3.89 -8.98
C ARG A 74 8.09 -3.10 -9.13
N ALA A 75 8.16 -2.00 -8.40
CA ALA A 75 9.46 -1.38 -8.13
C ALA A 75 10.09 -2.08 -6.93
N ARG A 76 11.41 -2.24 -6.96
CA ARG A 76 12.06 -2.97 -5.88
C ARG A 76 12.39 -2.09 -4.67
N TYR A 77 12.35 -0.77 -4.81
CA TYR A 77 12.69 0.11 -3.71
C TYR A 77 12.08 1.48 -3.95
N GLY A 78 12.28 2.38 -2.98
CA GLY A 78 11.93 3.79 -3.15
C GLY A 78 10.46 4.08 -3.01
N HIS A 79 9.68 3.18 -2.43
CA HIS A 79 8.24 3.39 -2.29
C HIS A 79 7.96 4.48 -1.29
N SER A 80 6.93 5.28 -1.56
CA SER A 80 6.50 6.27 -0.58
C SER A 80 5.11 5.98 -0.07
N PHE A 81 4.59 4.78 -0.31
CA PHE A 81 3.41 4.24 0.32
C PHE A 81 3.80 2.92 0.95
N PRO A 82 3.03 2.43 1.93
CA PRO A 82 3.53 1.30 2.73
C PRO A 82 3.43 0.01 1.93
N VAL A 83 4.54 -0.73 1.90
CA VAL A 83 4.63 -2.06 1.31
C VAL A 83 5.34 -2.98 2.29
N SER A 84 5.09 -4.27 2.12
CA SER A 84 5.84 -5.34 2.78
C SER A 84 6.49 -6.17 1.68
N LEU A 85 7.68 -5.73 1.25
CA LEU A 85 8.31 -6.29 0.06
C LEU A 85 8.54 -7.79 0.18
N ASP A 86 8.79 -8.29 1.38
CA ASP A 86 9.07 -9.70 1.54
C ASP A 86 7.99 -10.41 2.33
N HIS A 87 6.84 -9.78 2.53
CA HIS A 87 5.71 -10.50 3.08
C HIS A 87 5.99 -10.92 4.52
N GLU A 88 6.79 -10.10 5.22
CA GLU A 88 7.22 -10.40 6.58
C GLU A 88 6.06 -10.22 7.54
N GLU A 89 5.76 -11.27 8.27
CA GLU A 89 4.66 -11.23 9.20
C GLU A 89 5.06 -10.54 10.51
N ASP A 90 4.12 -9.81 11.10
CA ASP A 90 4.22 -9.35 12.49
C ASP A 90 3.45 -10.35 13.33
N THR A 91 4.17 -11.21 14.03
CA THR A 91 3.55 -12.22 14.87
C THR A 91 3.47 -11.80 16.34
N GLU A 92 4.15 -10.71 16.72
CA GLU A 92 4.36 -10.38 18.12
C GLU A 92 3.48 -9.26 18.66
N SER A 93 3.06 -8.34 17.80
CA SER A 93 2.24 -7.21 18.24
C SER A 93 0.91 -7.69 18.80
N ARG A 94 0.52 -7.14 19.94
CA ARG A 94 -0.79 -7.44 20.50
C ARG A 94 -1.81 -6.40 20.13
N PHE A 95 -1.40 -5.13 20.06
CA PHE A 95 -2.27 -4.01 19.75
C PHE A 95 -1.68 -3.14 18.67
N LEU A 96 -2.54 -2.68 17.77
CA LEU A 96 -2.20 -1.77 16.71
C LEU A 96 -3.15 -0.58 16.78
N TYR A 97 -2.77 0.48 16.08
CA TYR A 97 -3.44 1.75 16.23
C TYR A 97 -3.68 2.40 14.87
N HIS A 98 -4.79 3.13 14.81
CA HIS A 98 -5.16 3.94 13.66
C HIS A 98 -5.86 5.21 14.14
N GLY A 99 -5.50 6.35 13.59
CA GLY A 99 -6.12 7.61 13.94
C GLY A 99 -7.14 8.02 12.88
N THR A 100 -8.40 8.18 13.31
CA THR A 100 -9.41 8.60 12.36
C THR A 100 -9.92 9.99 12.72
N PRO A 101 -9.98 10.93 11.78
CA PRO A 101 -10.68 12.19 12.07
C PRO A 101 -12.08 11.92 12.58
N ARG A 102 -12.55 12.77 13.50
CA ARG A 102 -13.88 12.59 14.08
C ARG A 102 -14.97 12.52 13.01
N ARG A 103 -14.69 13.11 11.85
CA ARG A 103 -15.67 13.16 10.75
C ARG A 103 -16.00 11.74 10.26
N ASN A 104 -14.98 10.94 9.99
CA ASN A 104 -15.19 9.58 9.50
C ASN A 104 -15.52 8.58 10.60
N LEU A 105 -15.80 9.03 11.82
CA LEU A 105 -16.09 8.08 12.88
C LEU A 105 -17.33 7.22 12.63
N PRO A 106 -18.45 7.73 12.12
CA PRO A 106 -19.63 6.85 12.00
C PRO A 106 -19.41 5.72 11.01
N SER A 107 -18.83 6.00 9.84
CA SER A 107 -18.63 4.95 8.85
C SER A 107 -17.55 3.97 9.33
N ILE A 108 -16.46 4.48 9.91
CA ILE A 108 -15.39 3.60 10.36
C ILE A 108 -15.92 2.65 11.45
N LEU A 109 -16.74 3.17 12.34
CA LEU A 109 -17.31 2.34 13.41
C LEU A 109 -18.21 1.24 12.85
N LYS A 110 -19.04 1.58 11.86
CA LYS A 110 -19.94 0.61 11.26
C LYS A 110 -19.19 -0.38 10.35
N GLU A 111 -18.27 0.11 9.53
CA GLU A 111 -17.60 -0.67 8.50
C GLU A 111 -16.27 -1.28 8.92
N GLY A 112 -15.60 -0.70 9.92
CA GLY A 112 -14.20 -1.01 10.13
C GLY A 112 -13.34 -0.22 9.17
N LEU A 113 -12.10 -0.67 9.02
CA LEU A 113 -11.15 -0.05 8.09
C LEU A 113 -11.15 -0.89 6.82
N LYS A 114 -11.82 -0.40 5.78
CA LYS A 114 -11.81 -1.21 4.57
C LYS A 114 -10.80 -0.65 3.57
N PRO A 115 -10.23 -1.52 2.71
CA PRO A 115 -9.33 -1.05 1.66
C PRO A 115 -10.08 -0.21 0.60
N MET A 116 -9.57 0.99 0.32
CA MET A 116 -10.19 1.88 -0.68
C MET A 116 -9.19 2.10 -1.81
N LYS A 117 -8.24 3.01 -1.59
CA LYS A 117 -7.22 3.33 -2.63
C LYS A 117 -6.40 2.09 -2.97
N ARG A 118 -6.12 1.25 -1.98
CA ARG A 118 -5.24 0.10 -2.23
C ARG A 118 -5.92 -1.23 -1.89
N GLN A 119 -5.17 -2.31 -1.94
CA GLN A 119 -5.70 -3.63 -1.60
C GLN A 119 -5.64 -3.91 -0.10
N TYR A 120 -5.23 -2.94 0.70
CA TYR A 120 -4.93 -3.18 2.11
C TYR A 120 -4.98 -1.85 2.84
N VAL A 121 -5.07 -1.93 4.16
CA VAL A 121 -5.10 -0.77 5.02
C VAL A 121 -3.80 -0.73 5.81
N HIS A 122 -3.44 0.42 6.32
CA HIS A 122 -2.23 0.46 7.11
C HIS A 122 -2.52 1.06 8.48
N VAL A 123 -1.84 0.51 9.47
CA VAL A 123 -2.00 0.88 10.87
C VAL A 123 -0.60 0.95 11.47
N SER A 124 -0.51 1.28 12.76
CA SER A 124 0.81 1.43 13.36
C SER A 124 0.87 0.74 14.71
N THR A 125 2.09 0.36 15.09
CA THR A 125 2.33 -0.16 16.43
C THR A 125 2.41 0.95 17.45
N ASP A 126 2.55 2.21 17.00
CA ASP A 126 2.83 3.32 17.92
C ASP A 126 1.60 4.20 17.89
N LYS A 127 1.00 4.43 19.05
CA LYS A 127 -0.26 5.17 19.03
C LYS A 127 -0.04 6.64 18.69
N ILE A 128 1.09 7.21 19.07
CA ILE A 128 1.33 8.62 18.75
C ILE A 128 1.51 8.76 17.24
N GLU A 129 2.24 7.83 16.62
CA GLU A 129 2.41 7.92 15.17
C GLU A 129 1.08 7.69 14.45
N ALA A 130 0.21 6.84 15.01
CA ALA A 130 -1.12 6.67 14.44
C ALA A 130 -1.93 7.96 14.51
N LEU A 131 -1.83 8.69 15.61
CA LEU A 131 -2.57 9.96 15.72
C LEU A 131 -2.04 10.99 14.73
N GLU A 132 -0.72 11.04 14.56
CA GLU A 132 -0.13 12.02 13.67
C GLU A 132 -0.58 11.79 12.22
N THR A 133 -0.60 10.52 11.80
CA THR A 133 -1.06 10.15 10.46
C THR A 133 -2.47 10.63 10.21
N GLY A 134 -3.35 10.46 11.21
CA GLY A 134 -4.76 10.87 11.06
C GLY A 134 -4.93 12.36 11.03
N ARG A 135 -4.08 13.10 11.72
CA ARG A 135 -4.19 14.58 11.77
C ARG A 135 -3.98 15.14 10.36
N ARG A 136 -3.09 14.51 9.59
CA ARG A 136 -2.85 14.96 8.21
C ARG A 136 -4.14 14.81 7.39
N HIS A 137 -5.11 14.04 7.90
CA HIS A 137 -6.37 13.85 7.19
C HIS A 137 -7.53 14.63 7.81
N GLY A 138 -7.35 15.31 8.93
CA GLY A 138 -8.43 16.10 9.50
C GLY A 138 -8.17 16.44 10.95
N ARG A 139 -9.02 17.33 11.48
CA ARG A 139 -8.91 17.73 12.88
C ARG A 139 -9.68 16.78 13.79
N GLU A 140 -9.42 16.90 15.09
CA GLU A 140 -10.12 16.14 16.12
C GLU A 140 -9.99 14.63 15.90
N VAL A 141 -8.75 14.15 15.87
CA VAL A 141 -8.47 12.76 15.54
C VAL A 141 -8.89 11.84 16.66
N VAL A 142 -9.50 10.71 16.31
CA VAL A 142 -9.94 9.70 17.27
C VAL A 142 -9.03 8.48 17.17
N LEU A 143 -8.57 7.96 18.31
CA LEU A 143 -7.67 6.81 18.30
C LEU A 143 -8.47 5.51 18.23
N LEU A 144 -8.19 4.67 17.25
CA LEU A 144 -8.73 3.32 17.22
C LEU A 144 -7.70 2.35 17.75
N VAL A 145 -8.12 1.51 18.69
CA VAL A 145 -7.25 0.50 19.27
C VAL A 145 -7.62 -0.82 18.60
N ILE A 146 -6.66 -1.50 18.00
CA ILE A 146 -6.94 -2.69 17.20
C ILE A 146 -6.32 -3.90 17.87
N ASP A 147 -7.15 -4.89 18.12
CA ASP A 147 -6.72 -6.12 18.78
C ASP A 147 -6.13 -7.02 17.70
N ALA A 148 -4.80 -7.18 17.72
CA ALA A 148 -4.16 -7.88 16.62
C ALA A 148 -4.47 -9.37 16.65
N GLU A 149 -4.68 -9.94 17.83
CA GLU A 149 -5.04 -11.35 17.91
C GLU A 149 -6.44 -11.57 17.34
N CYS A 150 -7.35 -10.61 17.55
CA CYS A 150 -8.64 -10.63 16.84
C CYS A 150 -8.41 -10.75 15.33
N LEU A 151 -7.54 -9.90 14.79
CA LEU A 151 -7.27 -9.91 13.35
C LEU A 151 -6.79 -11.28 12.90
N ARG A 152 -5.82 -11.84 13.63
CA ARG A 152 -5.24 -13.12 13.24
C ARG A 152 -6.23 -14.27 13.37
N LYS A 153 -7.17 -14.17 14.32
CA LYS A 153 -8.16 -15.24 14.50
C LYS A 153 -9.08 -15.36 13.29
N ARG A 154 -9.31 -14.26 12.57
CA ARG A 154 -10.15 -14.26 11.38
C ARG A 154 -9.32 -14.40 10.11
N GLY A 155 -8.02 -14.70 10.24
CA GLY A 155 -7.21 -15.05 9.11
C GLY A 155 -6.55 -13.91 8.39
N PHE A 156 -6.48 -12.73 9.00
CA PHE A 156 -5.88 -11.57 8.37
C PHE A 156 -4.44 -11.51 8.82
N LYS A 157 -3.54 -11.87 7.93
CA LYS A 157 -2.12 -11.78 8.25
C LYS A 157 -1.72 -10.31 8.36
N ILE A 158 -0.88 -9.99 9.34
CA ILE A 158 -0.41 -8.63 9.57
C ILE A 158 1.04 -8.55 9.10
N TYR A 159 1.35 -7.59 8.25
CA TYR A 159 2.65 -7.53 7.60
C TYR A 159 3.46 -6.33 8.07
N LYS A 160 4.75 -6.55 8.28
CA LYS A 160 5.67 -5.46 8.59
C LYS A 160 5.95 -4.62 7.35
N ALA A 161 5.88 -3.31 7.49
CA ALA A 161 5.99 -2.40 6.36
C ALA A 161 7.01 -1.32 6.62
N GLY A 162 7.96 -1.59 7.50
CA GLY A 162 9.00 -0.64 7.80
C GLY A 162 8.73 0.12 9.07
N LYS A 163 9.71 0.10 9.97
CA LYS A 163 9.65 0.74 11.27
C LYS A 163 8.38 0.30 12.00
N ASN A 164 7.46 1.23 12.25
CA ASN A 164 6.27 0.92 13.05
C ASN A 164 5.02 0.72 12.22
N VAL A 165 5.13 0.76 10.91
CA VAL A 165 3.94 0.67 10.09
C VAL A 165 3.62 -0.80 9.84
N ARG A 166 2.33 -1.13 9.86
CA ARG A 166 1.87 -2.47 9.56
C ARG A 166 0.78 -2.40 8.52
N ILE A 167 0.69 -3.43 7.68
CA ILE A 167 -0.44 -3.48 6.76
C ILE A 167 -1.21 -4.77 6.94
N VAL A 168 -2.48 -4.71 6.57
CA VAL A 168 -3.41 -5.81 6.72
C VAL A 168 -4.53 -5.56 5.72
N GLU A 169 -5.13 -6.65 5.22
CA GLU A 169 -6.12 -6.48 4.16
C GLU A 169 -7.27 -5.57 4.60
N ARG A 170 -7.73 -5.73 5.83
CA ARG A 170 -8.78 -4.87 6.36
C ARG A 170 -8.88 -5.13 7.85
N VAL A 171 -9.57 -4.23 8.54
CA VAL A 171 -9.81 -4.45 9.97
C VAL A 171 -11.32 -4.51 10.22
N PRO A 172 -11.89 -5.67 10.51
CA PRO A 172 -13.33 -5.73 10.79
C PRO A 172 -13.64 -4.96 12.07
N PRO A 173 -14.87 -4.46 12.19
CA PRO A 173 -15.21 -3.67 13.39
C PRO A 173 -15.05 -4.43 14.69
N ASP A 174 -15.13 -5.77 14.66
CA ASP A 174 -15.03 -6.54 15.90
C ASP A 174 -13.69 -6.33 16.57
N CYS A 175 -12.67 -6.00 15.79
CA CYS A 175 -11.32 -5.88 16.30
C CYS A 175 -10.98 -4.49 16.79
N ILE A 176 -11.95 -3.57 16.81
CA ILE A 176 -11.69 -2.17 17.07
C ILE A 176 -12.39 -1.74 18.35
N THR A 177 -11.67 -1.00 19.19
CA THR A 177 -12.33 -0.20 20.21
C THR A 177 -11.74 1.21 20.19
N LEU A 178 -12.47 2.12 20.82
CA LEU A 178 -12.23 3.55 20.78
C LEU A 178 -11.29 3.96 21.91
N ALA A 179 -10.61 5.09 21.73
CA ALA A 179 -9.87 5.77 22.81
C ALA A 179 -9.60 7.22 22.43
N VAL A 180 -9.20 8.01 23.44
CA VAL A 180 -8.66 9.37 23.20
C VAL A 180 -7.20 9.29 22.80
#